data_1JL3
#
_entry.id   1JL3
#
_cell.length_a   50.940
_cell.length_b   94.310
_cell.length_c   118.700
_cell.angle_alpha   90.00
_cell.angle_beta   90.00
_cell.angle_gamma   90.00
#
_symmetry.space_group_name_H-M   'P 21 21 21'
#
loop_
_entity.id
_entity.type
_entity.pdbx_description
1 polymer 'ARSENATE REDUCTASE'
2 non-polymer 'SULFATE ION'
3 water water
#
_entity_poly.entity_id   1
_entity_poly.type   'polypeptide(L)'
_entity_poly.pdbx_seq_one_letter_code
;MENKIIYFLCTGNSCRSQMAEGWAKQYLGDEWKVYSAGIEAHGLNPNAVKAMKEVGIDISNQTSDIIDSDILNNADLVVT
LCGDAADKCPMTPPHVKREHWGFDDPARAQGTEEEKWAFFQRVRDEIGNRLKEFAETGK
;
_entity_poly.pdbx_strand_id   A,B,C,D
#
loop_
_chem_comp.id
_chem_comp.type
_chem_comp.name
_chem_comp.formula
SO4 non-polymer 'SULFATE ION' 'O4 S -2'
#
# COMPACT_ATOMS: atom_id res chain seq x y z
N ASN A 3 6.06 22.12 -9.94
CA ASN A 3 5.56 21.48 -11.18
C ASN A 3 6.72 21.17 -12.14
N LYS A 4 7.57 22.17 -12.38
CA LYS A 4 8.72 22.00 -13.26
C LYS A 4 10.00 22.44 -12.55
N ILE A 5 11.11 21.77 -12.84
CA ILE A 5 12.38 22.10 -12.22
C ILE A 5 13.47 22.25 -13.27
N ILE A 6 14.20 23.36 -13.21
CA ILE A 6 15.31 23.58 -14.15
C ILE A 6 16.58 23.71 -13.31
N TYR A 7 17.62 23.00 -13.73
CA TYR A 7 18.88 22.98 -12.99
C TYR A 7 20.04 23.43 -13.87
N PHE A 8 20.62 24.58 -13.53
CA PHE A 8 21.76 25.13 -14.28
C PHE A 8 23.06 24.65 -13.69
N LEU A 9 23.97 24.20 -14.54
CA LEU A 9 25.25 23.70 -14.08
C LEU A 9 26.41 24.30 -14.85
N CYS A 10 27.45 24.71 -14.13
CA CYS A 10 28.63 25.24 -14.79
C CYS A 10 29.84 24.74 -14.02
N THR A 11 31.03 25.08 -14.50
CA THR A 11 32.25 24.64 -13.83
C THR A 11 32.22 25.09 -12.38
N GLY A 12 31.77 26.31 -12.16
CA GLY A 12 31.67 26.83 -10.81
C GLY A 12 30.27 27.38 -10.59
N ASN A 13 30.05 28.03 -9.45
CA ASN A 13 28.75 28.63 -9.17
C ASN A 13 29.01 30.03 -8.66
N SER A 14 29.72 30.81 -9.47
CA SER A 14 30.09 32.17 -9.13
C SER A 14 29.60 33.26 -10.10
N CYS A 15 29.71 33.00 -11.40
CA CYS A 15 29.32 33.98 -12.41
C CYS A 15 28.17 33.58 -13.34
N ARG A 16 28.49 32.84 -14.39
CA ARG A 16 27.51 32.41 -15.37
C ARG A 16 26.29 31.69 -14.80
N SER A 17 26.52 30.68 -13.96
CA SER A 17 25.43 29.92 -13.37
C SER A 17 24.57 30.77 -12.44
N GLN A 18 25.17 31.73 -11.75
CA GLN A 18 24.41 32.61 -10.86
C GLN A 18 23.58 33.61 -11.65
N MET A 19 24.11 34.09 -12.77
CA MET A 19 23.37 35.04 -13.59
C MET A 19 22.23 34.29 -14.29
N ALA A 20 22.46 33.03 -14.65
CA ALA A 20 21.42 32.24 -15.30
C ALA A 20 20.29 32.01 -14.31
N GLU A 21 20.63 31.72 -13.05
CA GLU A 21 19.62 31.50 -12.03
C GLU A 21 18.79 32.77 -11.87
N GLY A 22 19.47 33.91 -11.80
CA GLY A 22 18.78 35.18 -11.66
C GLY A 22 17.84 35.50 -12.81
N TRP A 23 18.32 35.31 -14.04
CA TRP A 23 17.49 35.58 -15.21
C TRP A 23 16.32 34.61 -15.29
N ALA A 24 16.55 33.35 -14.96
CA ALA A 24 15.50 32.35 -15.02
C ALA A 24 14.37 32.63 -14.05
N LYS A 25 14.72 33.08 -12.85
CA LYS A 25 13.69 33.38 -11.86
C LYS A 25 12.86 34.59 -12.29
N GLN A 26 13.42 35.43 -13.15
CA GLN A 26 12.69 36.60 -13.63
C GLN A 26 11.79 36.26 -14.81
N TYR A 27 12.32 35.49 -15.75
CA TYR A 27 11.59 35.08 -16.95
C TYR A 27 10.57 33.98 -16.76
N LEU A 28 10.85 33.04 -15.85
CA LEU A 28 9.94 31.93 -15.62
C LEU A 28 8.97 32.25 -14.47
N GLY A 29 7.70 31.90 -14.64
CA GLY A 29 6.71 32.19 -13.62
C GLY A 29 6.67 31.20 -12.47
N ASP A 30 5.76 31.44 -11.53
CA ASP A 30 5.61 30.56 -10.38
C ASP A 30 5.01 29.24 -10.83
N GLU A 31 5.88 28.39 -11.36
CA GLU A 31 5.52 27.08 -11.87
C GLU A 31 6.85 26.34 -11.97
N TRP A 32 7.90 27.13 -12.15
CA TRP A 32 9.26 26.62 -12.26
C TRP A 32 10.07 26.83 -10.99
N LYS A 33 10.80 25.79 -10.59
CA LYS A 33 11.68 25.89 -9.45
C LYS A 33 13.05 25.97 -10.12
N VAL A 34 13.82 27.01 -9.78
CA VAL A 34 15.13 27.22 -10.39
C VAL A 34 16.30 26.95 -9.45
N TYR A 35 17.25 26.15 -9.93
CA TYR A 35 18.45 25.81 -9.17
C TYR A 35 19.68 26.08 -10.03
N SER A 36 20.82 26.33 -9.39
CA SER A 36 22.07 26.52 -10.12
C SER A 36 23.14 25.96 -9.22
N ALA A 37 24.16 25.35 -9.81
CA ALA A 37 25.25 24.76 -9.05
C ALA A 37 26.49 24.65 -9.92
N GLY A 38 27.61 24.33 -9.29
CA GLY A 38 28.85 24.18 -10.02
C GLY A 38 29.52 22.89 -9.63
N ILE A 39 30.50 22.47 -10.42
CA ILE A 39 31.25 21.26 -10.12
C ILE A 39 32.01 21.60 -8.83
N GLU A 40 32.35 22.88 -8.72
CA GLU A 40 33.02 23.42 -7.53
C GLU A 40 32.23 24.68 -7.21
N ALA A 41 32.28 25.13 -5.96
CA ALA A 41 31.56 26.32 -5.56
C ALA A 41 32.46 27.19 -4.70
N HIS A 42 32.87 28.34 -5.22
CA HIS A 42 33.75 29.22 -4.49
C HIS A 42 33.15 30.57 -4.10
N GLY A 43 31.82 30.66 -4.14
CA GLY A 43 31.15 31.89 -3.78
C GLY A 43 30.73 32.80 -4.91
N LEU A 44 29.82 33.73 -4.61
CA LEU A 44 29.33 34.69 -5.59
C LEU A 44 30.42 35.63 -6.07
N ASN A 45 30.42 35.91 -7.36
CA ASN A 45 31.41 36.84 -7.92
C ASN A 45 30.80 38.23 -7.80
N PRO A 46 31.50 39.16 -7.13
CA PRO A 46 30.98 40.51 -6.96
C PRO A 46 30.59 41.22 -8.26
N ASN A 47 31.37 41.02 -9.31
CA ASN A 47 31.09 41.64 -10.60
C ASN A 47 29.79 41.12 -11.18
N ALA A 48 29.50 39.84 -10.97
CA ALA A 48 28.26 39.26 -11.47
C ALA A 48 27.08 39.86 -10.72
N VAL A 49 27.22 40.02 -9.41
CA VAL A 49 26.16 40.60 -8.60
C VAL A 49 25.85 42.02 -9.05
N LYS A 50 26.90 42.80 -9.29
CA LYS A 50 26.76 44.20 -9.73
C LYS A 50 26.11 44.23 -11.10
N ALA A 51 26.58 43.37 -12.00
CA ALA A 51 26.06 43.32 -13.36
C ALA A 51 24.56 43.05 -13.38
N MET A 52 24.09 42.13 -12.55
CA MET A 52 22.67 41.82 -12.51
C MET A 52 21.89 42.95 -11.86
N LYS A 53 22.48 43.57 -10.84
CA LYS A 53 21.84 44.67 -10.14
C LYS A 53 21.56 45.79 -11.14
N GLU A 54 22.47 45.97 -12.06
CA GLU A 54 22.36 47.01 -13.08
C GLU A 54 21.11 46.84 -13.94
N VAL A 55 20.63 45.61 -14.09
CA VAL A 55 19.43 45.37 -14.89
C VAL A 55 18.21 45.09 -14.01
N GLY A 56 18.30 45.46 -12.74
CA GLY A 56 17.18 45.29 -11.83
C GLY A 56 16.95 43.91 -11.24
N ILE A 57 17.99 43.09 -11.17
CA ILE A 57 17.87 41.75 -10.61
C ILE A 57 18.85 41.56 -9.46
N ASP A 58 18.34 41.20 -8.29
CA ASP A 58 19.18 41.01 -7.12
C ASP A 58 19.51 39.53 -6.88
N ILE A 59 20.77 39.17 -7.10
CA ILE A 59 21.21 37.80 -6.90
C ILE A 59 22.16 37.71 -5.71
N SER A 60 22.23 38.78 -4.91
CA SER A 60 23.13 38.82 -3.76
C SER A 60 22.79 37.79 -2.68
N ASN A 61 21.54 37.35 -2.63
CA ASN A 61 21.12 36.38 -1.64
C ASN A 61 21.23 34.93 -2.12
N GLN A 62 21.61 34.74 -3.38
CA GLN A 62 21.76 33.40 -3.92
C GLN A 62 23.01 32.73 -3.34
N THR A 63 22.90 31.45 -3.02
CA THR A 63 24.03 30.73 -2.46
C THR A 63 24.87 30.06 -3.55
N SER A 64 26.13 29.78 -3.22
CA SER A 64 27.04 29.12 -4.15
C SER A 64 27.01 27.65 -3.75
N ASP A 65 26.42 26.82 -4.59
CA ASP A 65 26.27 25.40 -4.29
C ASP A 65 26.98 24.42 -5.21
N ILE A 66 27.36 23.28 -4.64
CA ILE A 66 28.01 22.22 -5.41
C ILE A 66 26.88 21.34 -5.93
N ILE A 67 27.12 20.68 -7.06
CA ILE A 67 26.12 19.81 -7.66
C ILE A 67 25.56 18.79 -6.65
N ASP A 68 24.24 18.65 -6.66
CA ASP A 68 23.53 17.73 -5.77
C ASP A 68 22.67 16.81 -6.64
N SER A 69 23.06 15.55 -6.73
CA SER A 69 22.34 14.58 -7.55
C SER A 69 20.89 14.35 -7.10
N ASP A 70 20.60 14.58 -5.81
CA ASP A 70 19.24 14.37 -5.32
C ASP A 70 18.29 15.34 -6.02
N ILE A 71 18.79 16.53 -6.32
CA ILE A 71 17.99 17.55 -6.97
C ILE A 71 18.05 17.38 -8.49
N LEU A 72 19.27 17.26 -9.00
CA LEU A 72 19.51 17.09 -10.43
C LEU A 72 18.72 15.95 -11.05
N ASN A 73 18.72 14.79 -10.39
CA ASN A 73 18.02 13.62 -10.91
C ASN A 73 16.51 13.79 -10.97
N ASN A 74 16.00 14.80 -10.28
CA ASN A 74 14.56 15.03 -10.26
C ASN A 74 14.16 16.21 -11.16
N ALA A 75 15.13 16.80 -11.83
CA ALA A 75 14.87 17.95 -12.70
C ALA A 75 14.23 17.59 -14.03
N ASP A 76 13.50 18.53 -14.61
CA ASP A 76 12.88 18.29 -15.90
C ASP A 76 14.01 18.43 -16.92
N LEU A 77 14.95 19.30 -16.63
CA LEU A 77 16.09 19.47 -17.52
C LEU A 77 17.27 20.09 -16.81
N VAL A 78 18.46 19.73 -17.25
CA VAL A 78 19.68 20.29 -16.72
C VAL A 78 20.27 21.05 -17.89
N VAL A 79 20.72 22.27 -17.62
CA VAL A 79 21.33 23.11 -18.65
C VAL A 79 22.76 23.39 -18.27
N THR A 80 23.71 22.88 -19.06
CA THR A 80 25.12 23.15 -18.77
C THR A 80 25.43 24.46 -19.49
N LEU A 81 26.28 25.29 -18.88
CA LEU A 81 26.58 26.61 -19.43
C LEU A 81 27.91 26.79 -20.14
N CYS A 82 28.64 25.69 -20.31
CA CYS A 82 29.90 25.71 -21.05
C CYS A 82 30.30 24.28 -21.34
N GLY A 83 31.22 24.12 -22.29
CA GLY A 83 31.68 22.80 -22.69
C GLY A 83 32.27 21.98 -21.57
N ASP A 84 33.00 22.63 -20.66
CA ASP A 84 33.61 21.91 -19.54
C ASP A 84 32.53 21.34 -18.64
N ALA A 85 31.48 22.11 -18.41
CA ALA A 85 30.38 21.65 -17.57
C ALA A 85 29.67 20.49 -18.23
N ALA A 86 29.53 20.53 -19.55
CA ALA A 86 28.87 19.45 -20.28
C ALA A 86 29.67 18.16 -20.10
N ASP A 87 30.99 18.27 -20.15
CA ASP A 87 31.86 17.11 -19.97
C ASP A 87 31.75 16.50 -18.58
N LYS A 88 31.67 17.38 -17.58
CA LYS A 88 31.62 16.95 -16.19
C LYS A 88 30.24 16.70 -15.59
N CYS A 89 29.19 16.98 -16.35
CA CYS A 89 27.84 16.76 -15.84
C CYS A 89 27.63 15.26 -15.64
N PRO A 90 27.34 14.85 -14.41
CA PRO A 90 27.14 13.43 -14.15
C PRO A 90 25.94 12.80 -14.86
N MET A 91 25.96 11.47 -14.90
CA MET A 91 24.90 10.66 -15.49
C MET A 91 23.59 11.07 -14.83
N THR A 92 22.54 11.23 -15.64
CA THR A 92 21.22 11.58 -15.13
C THR A 92 20.19 10.56 -15.61
N PRO A 93 19.05 10.43 -14.91
CA PRO A 93 18.02 9.48 -15.32
C PRO A 93 17.57 9.82 -16.73
N PRO A 94 17.17 8.81 -17.52
CA PRO A 94 16.73 9.09 -18.88
C PRO A 94 15.63 10.14 -19.05
N HIS A 95 14.85 10.39 -18.00
CA HIS A 95 13.76 11.38 -18.08
C HIS A 95 14.21 12.83 -17.99
N VAL A 96 15.44 13.06 -17.55
CA VAL A 96 15.97 14.41 -17.43
C VAL A 96 16.56 14.85 -18.77
N LYS A 97 16.08 15.98 -19.30
CA LYS A 97 16.60 16.47 -20.57
C LYS A 97 17.94 17.15 -20.32
N ARG A 98 18.93 16.84 -21.15
CA ARG A 98 20.26 17.42 -21.01
C ARG A 98 20.47 18.42 -22.15
N GLU A 99 20.44 19.71 -21.82
CA GLU A 99 20.62 20.76 -22.81
C GLU A 99 21.95 21.43 -22.58
N HIS A 100 22.61 21.85 -23.65
CA HIS A 100 23.91 22.47 -23.50
C HIS A 100 24.02 23.83 -24.16
N TRP A 101 24.22 24.86 -23.36
CA TRP A 101 24.39 26.21 -23.88
C TRP A 101 25.85 26.54 -23.66
N GLY A 102 26.30 27.69 -24.14
CA GLY A 102 27.69 28.04 -23.94
C GLY A 102 27.92 29.52 -23.81
N PHE A 103 28.61 29.92 -22.74
CA PHE A 103 28.93 31.31 -22.48
C PHE A 103 30.38 31.41 -22.01
N ASP A 104 31.07 32.45 -22.44
CA ASP A 104 32.45 32.66 -22.03
C ASP A 104 32.50 33.00 -20.55
N ASP A 105 33.61 32.63 -19.92
CA ASP A 105 33.82 32.90 -18.49
C ASP A 105 34.33 34.34 -18.34
N PRO A 106 33.47 35.26 -17.86
CA PRO A 106 33.93 36.65 -17.71
C PRO A 106 35.06 36.82 -16.69
N ALA A 107 35.20 35.86 -15.80
CA ALA A 107 36.24 35.92 -14.78
C ALA A 107 37.63 35.60 -15.32
N ARG A 108 37.70 34.97 -16.48
CA ARG A 108 39.00 34.62 -17.04
C ARG A 108 39.44 35.60 -18.12
N ALA A 109 38.57 36.56 -18.44
CA ALA A 109 38.88 37.55 -19.46
C ALA A 109 40.14 38.35 -19.11
N GLN A 110 40.98 38.55 -20.11
CA GLN A 110 42.21 39.31 -19.93
C GLN A 110 42.09 40.62 -20.69
N GLY A 111 42.50 41.72 -20.08
CA GLY A 111 42.41 43.00 -20.76
C GLY A 111 42.37 44.17 -19.81
N THR A 112 42.07 45.35 -20.34
CA THR A 112 41.97 46.54 -19.52
C THR A 112 40.80 46.35 -18.58
N GLU A 113 40.78 47.08 -17.47
CA GLU A 113 39.67 46.95 -16.54
C GLU A 113 38.34 47.33 -17.15
N GLU A 114 38.33 48.29 -18.09
CA GLU A 114 37.05 48.68 -18.70
C GLU A 114 36.56 47.58 -19.62
N GLU A 115 37.48 46.91 -20.31
CA GLU A 115 37.13 45.82 -21.22
C GLU A 115 36.56 44.65 -20.43
N LYS A 116 37.17 44.36 -19.28
CA LYS A 116 36.71 43.25 -18.46
C LYS A 116 35.32 43.52 -17.87
N TRP A 117 35.06 44.76 -17.49
CA TRP A 117 33.74 45.07 -16.93
C TRP A 117 32.71 44.95 -18.06
N ALA A 118 33.08 45.42 -19.24
CA ALA A 118 32.19 45.34 -20.39
C ALA A 118 31.88 43.88 -20.71
N PHE A 119 32.87 43.02 -20.48
CA PHE A 119 32.74 41.58 -20.73
C PHE A 119 31.68 40.98 -19.81
N PHE A 120 31.70 41.38 -18.54
CA PHE A 120 30.70 40.88 -17.59
C PHE A 120 29.31 41.30 -18.04
N GLN A 121 29.18 42.54 -18.50
CA GLN A 121 27.89 43.03 -18.96
C GLN A 121 27.42 42.30 -20.22
N ARG A 122 28.35 41.99 -21.10
CA ARG A 122 28.01 41.31 -22.35
C ARG A 122 27.54 39.88 -22.09
N VAL A 123 28.26 39.14 -21.25
CA VAL A 123 27.86 37.78 -20.95
C VAL A 123 26.50 37.80 -20.23
N ARG A 124 26.30 38.79 -19.37
CA ARG A 124 25.02 38.94 -18.67
C ARG A 124 23.89 39.06 -19.69
N ASP A 125 24.10 39.91 -20.71
CA ASP A 125 23.08 40.13 -21.72
C ASP A 125 22.85 38.89 -22.59
N GLU A 126 23.91 38.16 -22.90
CA GLU A 126 23.78 36.95 -23.71
C GLU A 126 22.95 35.90 -22.96
N ILE A 127 23.22 35.74 -21.67
CA ILE A 127 22.48 34.76 -20.88
C ILE A 127 21.02 35.17 -20.78
N GLY A 128 20.77 36.47 -20.58
CA GLY A 128 19.40 36.92 -20.50
C GLY A 128 18.63 36.65 -21.78
N ASN A 129 19.23 36.96 -22.91
CA ASN A 129 18.55 36.75 -24.18
C ASN A 129 18.34 35.25 -24.43
N ARG A 130 19.23 34.41 -23.94
CA ARG A 130 19.05 32.98 -24.14
C ARG A 130 17.89 32.48 -23.27
N LEU A 131 17.77 33.04 -22.06
CA LEU A 131 16.67 32.66 -21.17
C LEU A 131 15.34 33.14 -21.75
N LYS A 132 15.37 34.25 -22.47
CA LYS A 132 14.16 34.78 -23.10
C LYS A 132 13.70 33.75 -24.13
N GLU A 133 14.65 33.20 -24.89
CA GLU A 133 14.32 32.20 -25.89
C GLU A 133 13.70 30.98 -25.20
N PHE A 134 14.33 30.53 -24.12
CA PHE A 134 13.80 29.36 -23.40
C PHE A 134 12.39 29.61 -22.87
N ALA A 135 12.18 30.79 -22.30
CA ALA A 135 10.87 31.13 -21.75
C ALA A 135 9.78 31.13 -22.81
N GLU A 136 10.14 31.50 -24.03
CA GLU A 136 9.17 31.57 -25.12
C GLU A 136 8.95 30.25 -25.86
N THR A 137 10.01 29.48 -26.05
CA THR A 137 9.95 28.24 -26.81
C THR A 137 10.07 26.95 -26.01
N GLY A 138 10.58 27.04 -24.79
CA GLY A 138 10.76 25.84 -23.98
C GLY A 138 12.01 25.10 -24.42
N LYS A 139 12.68 25.67 -25.42
CA LYS A 139 13.91 25.12 -26.00
C LYS A 139 13.89 23.60 -26.17
N ASN B 3 18.26 5.86 -8.74
CA ASN B 3 17.75 7.20 -9.12
C ASN B 3 16.59 7.66 -8.24
N LYS B 4 15.41 7.09 -8.47
CA LYS B 4 14.21 7.44 -7.71
C LYS B 4 14.46 7.40 -6.21
N ILE B 5 14.18 8.49 -5.52
CA ILE B 5 14.38 8.53 -4.08
C ILE B 5 13.15 8.13 -3.28
N ILE B 6 13.34 7.19 -2.36
CA ILE B 6 12.29 6.78 -1.43
C ILE B 6 12.89 7.25 -0.11
N TYR B 7 12.13 8.07 0.61
CA TYR B 7 12.59 8.69 1.85
C TYR B 7 11.76 8.23 3.05
N PHE B 8 12.37 7.50 3.97
CA PHE B 8 11.68 7.00 5.16
C PHE B 8 11.86 7.99 6.30
N LEU B 9 10.75 8.50 6.81
CA LEU B 9 10.78 9.48 7.88
C LEU B 9 10.07 9.02 9.13
N CYS B 10 10.65 9.35 10.29
CA CYS B 10 10.02 9.01 11.56
C CYS B 10 10.34 10.13 12.54
N THR B 11 9.88 9.99 13.78
CA THR B 11 10.15 11.00 14.79
C THR B 11 11.65 11.23 14.93
N GLY B 12 12.39 10.13 14.96
CA GLY B 12 13.84 10.22 15.06
C GLY B 12 14.45 9.41 13.93
N ASN B 13 15.76 9.24 13.96
CA ASN B 13 16.43 8.43 12.95
C ASN B 13 17.34 7.51 13.74
N SER B 14 16.72 6.79 14.67
CA SER B 14 17.41 5.87 15.58
C SER B 14 16.99 4.42 15.46
N CYS B 15 15.67 4.17 15.38
CA CYS B 15 15.15 2.81 15.31
C CYS B 15 14.36 2.44 14.07
N ARG B 16 13.07 2.79 14.07
CA ARG B 16 12.18 2.47 12.96
C ARG B 16 12.66 2.88 11.58
N SER B 17 13.07 4.14 11.45
CA SER B 17 13.54 4.63 10.14
C SER B 17 14.84 3.97 9.69
N GLN B 18 15.69 3.62 10.65
CA GLN B 18 16.97 2.97 10.33
C GLN B 18 16.71 1.53 9.89
N MET B 19 15.75 0.86 10.54
CA MET B 19 15.44 -0.51 10.16
C MET B 19 14.74 -0.52 8.80
N ALA B 20 13.90 0.48 8.53
CA ALA B 20 13.22 0.57 7.24
C ALA B 20 14.27 0.75 6.14
N GLU B 21 15.26 1.60 6.37
CA GLU B 21 16.31 1.82 5.37
C GLU B 21 17.03 0.49 5.11
N GLY B 22 17.33 -0.23 6.18
CA GLY B 22 18.02 -1.51 6.04
C GLY B 22 17.22 -2.52 5.24
N TRP B 23 15.94 -2.66 5.56
CA TRP B 23 15.09 -3.60 4.85
C TRP B 23 14.91 -3.16 3.40
N ALA B 24 14.69 -1.87 3.18
CA ALA B 24 14.46 -1.34 1.85
C ALA B 24 15.64 -1.58 0.92
N LYS B 25 16.87 -1.45 1.44
CA LYS B 25 18.05 -1.66 0.62
C LYS B 25 18.19 -3.12 0.20
N GLN B 26 17.45 -4.00 0.86
CA GLN B 26 17.49 -5.42 0.52
C GLN B 26 16.33 -5.83 -0.38
N TYR B 27 15.15 -5.28 -0.12
CA TYR B 27 13.95 -5.60 -0.89
C TYR B 27 13.74 -4.83 -2.18
N LEU B 28 14.17 -3.58 -2.23
CA LEU B 28 13.97 -2.76 -3.42
C LEU B 28 15.03 -2.91 -4.50
N GLY B 29 14.60 -2.72 -5.74
CA GLY B 29 15.50 -2.83 -6.89
C GLY B 29 16.49 -1.69 -6.99
N ASP B 30 17.47 -1.85 -7.87
CA ASP B 30 18.51 -0.85 -8.08
C ASP B 30 18.01 0.49 -8.55
N GLU B 31 16.76 0.56 -9.00
CA GLU B 31 16.20 1.83 -9.47
C GLU B 31 15.97 2.81 -8.33
N TRP B 32 15.89 2.30 -7.10
CA TRP B 32 15.65 3.15 -5.94
C TRP B 32 16.89 3.60 -5.18
N LYS B 33 16.85 4.85 -4.72
CA LYS B 33 17.92 5.42 -3.90
C LYS B 33 17.21 5.57 -2.56
N VAL B 34 17.67 4.83 -1.56
CA VAL B 34 17.03 4.86 -0.25
C VAL B 34 17.66 5.79 0.77
N TYR B 35 16.85 6.66 1.36
CA TYR B 35 17.30 7.58 2.40
C TYR B 35 16.33 7.48 3.58
N SER B 36 16.80 7.84 4.76
CA SER B 36 15.94 7.86 5.94
C SER B 36 16.36 9.06 6.78
N ALA B 37 15.45 9.55 7.60
CA ALA B 37 15.73 10.70 8.45
C ALA B 37 14.67 10.83 9.53
N GLY B 38 14.94 11.68 10.52
CA GLY B 38 13.99 11.90 11.58
C GLY B 38 13.67 13.37 11.71
N ILE B 39 12.56 13.67 12.37
CA ILE B 39 12.20 15.07 12.58
C ILE B 39 13.34 15.62 13.42
N GLU B 40 13.93 14.71 14.21
CA GLU B 40 15.08 15.00 15.07
C GLU B 40 16.03 13.82 14.86
N ALA B 41 17.31 14.01 15.16
CA ALA B 41 18.28 12.93 15.00
C ALA B 41 19.31 12.94 16.12
N HIS B 42 19.44 11.81 16.82
CA HIS B 42 20.36 11.71 17.93
C HIS B 42 21.26 10.46 17.88
N GLY B 43 21.26 9.77 16.75
CA GLY B 43 22.11 8.60 16.60
C GLY B 43 21.44 7.24 16.46
N LEU B 44 22.17 6.31 15.85
CA LEU B 44 21.70 4.94 15.66
C LEU B 44 21.50 4.29 17.01
N ASN B 45 20.40 3.54 17.16
CA ASN B 45 20.13 2.83 18.40
C ASN B 45 20.83 1.48 18.30
N PRO B 46 21.70 1.16 19.28
CA PRO B 46 22.41 -0.13 19.25
C PRO B 46 21.51 -1.36 19.17
N ASN B 47 20.33 -1.28 19.78
CA ASN B 47 19.41 -2.40 19.75
C ASN B 47 18.83 -2.60 18.36
N ALA B 48 18.65 -1.50 17.63
CA ALA B 48 18.14 -1.59 16.25
C ALA B 48 19.22 -2.24 15.40
N VAL B 49 20.48 -1.87 15.65
CA VAL B 49 21.58 -2.45 14.91
C VAL B 49 21.63 -3.95 15.18
N LYS B 50 21.51 -4.31 16.45
CA LYS B 50 21.54 -5.72 16.88
C LYS B 50 20.38 -6.49 16.25
N ALA B 51 19.21 -5.87 16.24
CA ALA B 51 18.01 -6.49 15.67
C ALA B 51 18.19 -6.81 14.19
N MET B 52 18.77 -5.88 13.44
CA MET B 52 18.95 -6.13 12.02
C MET B 52 20.04 -7.18 11.78
N LYS B 53 21.05 -7.20 12.63
CA LYS B 53 22.13 -8.16 12.50
C LYS B 53 21.59 -9.58 12.61
N GLU B 54 20.55 -9.74 13.42
CA GLU B 54 19.91 -11.03 13.65
C GLU B 54 19.23 -11.57 12.39
N VAL B 55 19.00 -10.70 11.41
CA VAL B 55 18.38 -11.15 10.17
C VAL B 55 19.34 -11.02 8.99
N GLY B 56 20.62 -10.88 9.30
CA GLY B 56 21.64 -10.79 8.27
C GLY B 56 21.85 -9.44 7.59
N ILE B 57 21.32 -8.39 8.20
CA ILE B 57 21.47 -7.05 7.62
C ILE B 57 22.31 -6.17 8.53
N ASP B 58 23.33 -5.55 7.95
CA ASP B 58 24.22 -4.67 8.70
C ASP B 58 23.90 -3.19 8.45
N ILE B 59 23.33 -2.53 9.45
CA ILE B 59 23.00 -1.12 9.34
C ILE B 59 23.92 -0.25 10.21
N SER B 60 24.98 -0.86 10.73
CA SER B 60 25.93 -0.16 11.60
C SER B 60 26.62 1.05 10.99
N ASN B 61 26.66 1.13 9.66
CA ASN B 61 27.32 2.26 9.01
C ASN B 61 26.34 3.32 8.51
N GLN B 62 25.06 3.12 8.78
CA GLN B 62 24.07 4.09 8.35
C GLN B 62 24.18 5.35 9.22
N THR B 63 23.99 6.51 8.62
CA THR B 63 24.08 7.75 9.37
C THR B 63 22.75 8.12 10.01
N SER B 64 22.81 8.99 11.01
CA SER B 64 21.60 9.45 11.70
C SER B 64 21.43 10.90 11.26
N ASP B 65 20.40 11.16 10.47
CA ASP B 65 20.18 12.50 9.93
C ASP B 65 18.80 13.08 10.17
N ILE B 66 18.70 14.40 10.10
CA ILE B 66 17.43 15.09 10.27
C ILE B 66 16.87 15.35 8.87
N ILE B 67 15.55 15.59 8.80
CA ILE B 67 14.90 15.87 7.53
C ILE B 67 15.66 16.94 6.75
N ASP B 68 15.88 16.66 5.46
CA ASP B 68 16.60 17.58 4.57
C ASP B 68 15.61 18.05 3.50
N SER B 69 15.41 19.35 3.41
CA SER B 69 14.45 19.90 2.44
C SER B 69 14.75 19.54 0.99
N ASP B 70 16.03 19.48 0.62
CA ASP B 70 16.39 19.15 -0.76
C ASP B 70 16.01 17.72 -1.11
N ILE B 71 16.02 16.83 -0.12
CA ILE B 71 15.65 15.45 -0.38
C ILE B 71 14.13 15.36 -0.36
N LEU B 72 13.53 15.93 0.68
CA LEU B 72 12.09 15.92 0.85
C LEU B 72 11.35 16.46 -0.38
N ASN B 73 11.81 17.61 -0.89
CA ASN B 73 11.17 18.24 -2.04
C ASN B 73 11.42 17.57 -3.38
N ASN B 74 12.41 16.69 -3.45
CA ASN B 74 12.75 16.02 -4.70
C ASN B 74 12.62 14.51 -4.68
N ALA B 75 12.00 13.99 -3.63
CA ALA B 75 11.82 12.54 -3.51
C ALA B 75 10.69 12.06 -4.39
N ASP B 76 10.77 10.80 -4.81
CA ASP B 76 9.72 10.20 -5.63
C ASP B 76 8.60 9.80 -4.68
N LEU B 77 9.01 9.30 -3.51
CA LEU B 77 8.08 8.85 -2.49
C LEU B 77 8.59 9.09 -1.08
N VAL B 78 7.73 9.63 -0.23
CA VAL B 78 8.07 9.88 1.16
C VAL B 78 7.14 9.00 2.00
N VAL B 79 7.75 8.13 2.81
CA VAL B 79 6.99 7.22 3.67
C VAL B 79 7.18 7.58 5.13
N THR B 80 6.11 7.99 5.81
CA THR B 80 6.25 8.30 7.23
C THR B 80 5.96 6.99 7.96
N LEU B 81 6.70 6.76 9.05
CA LEU B 81 6.58 5.52 9.78
C LEU B 81 5.75 5.54 11.06
N CYS B 82 5.17 6.69 11.38
CA CYS B 82 4.30 6.81 12.55
C CYS B 82 3.51 8.11 12.42
N GLY B 83 2.37 8.18 13.09
CA GLY B 83 1.53 9.36 13.02
C GLY B 83 2.22 10.64 13.47
N ASP B 84 3.09 10.53 14.47
CA ASP B 84 3.81 11.69 14.97
C ASP B 84 4.65 12.31 13.86
N ALA B 85 5.33 11.47 13.09
CA ALA B 85 6.16 11.95 11.99
C ALA B 85 5.29 12.59 10.91
N ALA B 86 4.14 11.98 10.64
CA ALA B 86 3.22 12.51 9.66
C ALA B 86 2.72 13.87 10.12
N ASP B 87 2.46 14.00 11.43
CA ASP B 87 2.00 15.27 12.00
C ASP B 87 3.02 16.40 11.82
N LYS B 88 4.31 16.05 11.92
CA LYS B 88 5.39 17.03 11.86
C LYS B 88 6.09 17.21 10.51
N CYS B 89 5.76 16.37 9.53
CA CYS B 89 6.41 16.48 8.22
C CYS B 89 5.93 17.69 7.44
N PRO B 90 6.87 18.48 6.90
CA PRO B 90 6.51 19.68 6.14
C PRO B 90 5.73 19.32 4.88
N MET B 91 5.01 20.29 4.34
CA MET B 91 4.25 20.08 3.12
C MET B 91 5.25 19.77 2.01
N THR B 92 4.87 18.88 1.10
CA THR B 92 5.77 18.51 0.00
C THR B 92 5.13 18.79 -1.35
N PRO B 93 5.96 18.98 -2.40
CA PRO B 93 5.44 19.26 -3.75
C PRO B 93 4.44 18.18 -4.17
N PRO B 94 3.38 18.57 -4.89
CA PRO B 94 2.35 17.62 -5.35
C PRO B 94 2.89 16.37 -6.03
N HIS B 95 4.01 16.49 -6.75
CA HIS B 95 4.60 15.36 -7.45
C HIS B 95 5.13 14.29 -6.50
N VAL B 96 5.51 14.69 -5.30
CA VAL B 96 6.03 13.75 -4.31
C VAL B 96 4.90 12.88 -3.77
N LYS B 97 5.01 11.57 -3.98
CA LYS B 97 3.99 10.65 -3.47
C LYS B 97 4.16 10.50 -1.98
N ARG B 98 3.06 10.28 -1.28
CA ARG B 98 3.12 10.14 0.17
C ARG B 98 2.39 8.88 0.65
N GLU B 99 3.05 8.12 1.52
CA GLU B 99 2.43 6.95 2.11
C GLU B 99 2.60 7.05 3.61
N HIS B 100 1.58 6.65 4.35
CA HIS B 100 1.63 6.73 5.80
C HIS B 100 1.48 5.37 6.45
N TRP B 101 2.57 4.90 7.06
CA TRP B 101 2.56 3.62 7.75
C TRP B 101 2.66 3.92 9.25
N GLY B 102 2.51 2.91 10.08
CA GLY B 102 2.58 3.15 11.51
C GLY B 102 3.19 2.00 12.30
N PHE B 103 4.20 2.31 13.10
CA PHE B 103 4.86 1.30 13.92
C PHE B 103 5.16 1.90 15.29
N ASP B 104 5.08 1.08 16.33
CA ASP B 104 5.38 1.54 17.68
C ASP B 104 6.87 1.83 17.84
N ASP B 105 7.20 2.76 18.74
CA ASP B 105 8.59 3.12 18.99
C ASP B 105 9.21 2.11 19.95
N PRO B 106 10.10 1.24 19.46
CA PRO B 106 10.71 0.25 20.35
C PRO B 106 11.58 0.83 21.45
N ALA B 107 12.09 2.04 21.24
CA ALA B 107 12.95 2.70 22.23
C ALA B 107 12.17 3.07 23.49
N ARG B 108 10.84 3.07 23.40
CA ARG B 108 10.00 3.42 24.54
C ARG B 108 9.33 2.20 25.15
N ALA B 109 9.74 1.01 24.71
CA ALA B 109 9.17 -0.23 25.22
C ALA B 109 9.45 -0.39 26.71
N GLN B 110 8.48 -0.95 27.43
CA GLN B 110 8.61 -1.17 28.87
C GLN B 110 8.71 -2.66 29.20
N GLY B 111 9.09 -2.97 30.42
CA GLY B 111 9.21 -4.36 30.83
C GLY B 111 10.64 -4.83 31.02
N THR B 112 10.82 -6.14 31.08
CA THR B 112 12.15 -6.73 31.24
C THR B 112 12.97 -6.55 29.98
N GLU B 113 14.26 -6.87 30.06
CA GLU B 113 15.14 -6.74 28.90
C GLU B 113 14.70 -7.68 27.80
N GLU B 114 14.24 -8.87 28.17
CA GLU B 114 13.78 -9.86 27.20
C GLU B 114 12.50 -9.35 26.54
N GLU B 115 11.72 -8.59 27.30
CA GLU B 115 10.46 -8.03 26.81
C GLU B 115 10.73 -6.89 25.85
N LYS B 116 11.73 -6.06 26.18
CA LYS B 116 12.10 -4.95 25.32
C LYS B 116 12.72 -5.46 24.03
N TRP B 117 13.50 -6.54 24.14
CA TRP B 117 14.14 -7.13 22.97
C TRP B 117 13.05 -7.68 22.05
N ALA B 118 12.08 -8.37 22.61
CA ALA B 118 10.98 -8.94 21.84
C ALA B 118 10.24 -7.82 21.08
N PHE B 119 10.14 -6.65 21.70
CA PHE B 119 9.47 -5.50 21.10
C PHE B 119 10.25 -5.06 19.86
N PHE B 120 11.58 -5.04 19.98
CA PHE B 120 12.40 -4.66 18.83
C PHE B 120 12.24 -5.66 17.70
N GLN B 121 12.20 -6.95 18.02
CA GLN B 121 12.03 -7.97 17.00
C GLN B 121 10.68 -7.83 16.30
N ARG B 122 9.65 -7.52 17.08
CA ARG B 122 8.30 -7.38 16.54
C ARG B 122 8.25 -6.21 15.57
N VAL B 123 8.70 -5.05 16.00
CA VAL B 123 8.68 -3.88 15.14
C VAL B 123 9.53 -4.12 13.90
N ARG B 124 10.70 -4.72 14.08
CA ARG B 124 11.59 -5.01 12.95
C ARG B 124 10.85 -5.83 11.90
N ASP B 125 10.21 -6.91 12.33
CA ASP B 125 9.49 -7.78 11.41
C ASP B 125 8.25 -7.14 10.79
N GLU B 126 7.59 -6.24 11.52
CA GLU B 126 6.42 -5.56 10.99
C GLU B 126 6.88 -4.64 9.86
N ILE B 127 7.99 -3.94 10.07
CA ILE B 127 8.52 -3.04 9.05
C ILE B 127 8.97 -3.83 7.83
N GLY B 128 9.68 -4.93 8.07
CA GLY B 128 10.13 -5.76 6.97
C GLY B 128 8.96 -6.31 6.17
N ASN B 129 7.92 -6.75 6.87
CA ASN B 129 6.78 -7.31 6.16
C ASN B 129 6.06 -6.27 5.32
N ARG B 130 6.00 -5.04 5.82
CA ARG B 130 5.32 -3.98 5.09
C ARG B 130 6.13 -3.62 3.85
N LEU B 131 7.44 -3.66 3.97
CA LEU B 131 8.29 -3.33 2.83
C LEU B 131 8.24 -4.45 1.78
N LYS B 132 8.05 -5.69 2.23
CA LYS B 132 7.94 -6.79 1.29
C LYS B 132 6.68 -6.55 0.47
N GLU B 133 5.61 -6.10 1.14
CA GLU B 133 4.35 -5.81 0.47
C GLU B 133 4.58 -4.69 -0.55
N PHE B 134 5.31 -3.66 -0.13
CA PHE B 134 5.57 -2.55 -1.03
C PHE B 134 6.35 -3.01 -2.27
N ALA B 135 7.36 -3.84 -2.04
CA ALA B 135 8.19 -4.34 -3.13
C ALA B 135 7.40 -5.18 -4.12
N GLU B 136 6.41 -5.92 -3.63
CA GLU B 136 5.61 -6.79 -4.49
C GLU B 136 4.42 -6.12 -5.17
N THR B 137 3.83 -5.13 -4.51
CA THR B 137 2.64 -4.47 -5.03
C THR B 137 2.83 -3.03 -5.47
N GLY B 138 3.93 -2.41 -5.02
CA GLY B 138 4.18 -1.02 -5.38
C GLY B 138 3.32 -0.12 -4.52
N LYS B 139 2.66 -0.70 -3.52
CA LYS B 139 1.79 0.02 -2.61
C LYS B 139 2.13 -0.27 -1.15
N LYS C 4 -18.62 -1.92 2.02
CA LYS C 4 -19.64 -2.65 2.82
C LYS C 4 -19.12 -4.02 3.25
N ILE C 5 -18.86 -4.89 2.29
CA ILE C 5 -18.36 -6.23 2.57
C ILE C 5 -16.86 -6.36 2.29
N ILE C 6 -16.10 -6.81 3.28
CA ILE C 6 -14.66 -7.02 3.10
C ILE C 6 -14.45 -8.53 3.32
N TYR C 7 -13.75 -9.15 2.38
CA TYR C 7 -13.52 -10.59 2.39
C TYR C 7 -12.03 -10.92 2.45
N PHE C 8 -11.60 -11.52 3.55
CA PHE C 8 -10.20 -11.89 3.72
C PHE C 8 -10.01 -13.31 3.23
N LEU C 9 -9.14 -13.48 2.23
CA LEU C 9 -8.88 -14.80 1.65
C LEU C 9 -7.44 -15.25 1.80
N CYS C 10 -7.27 -16.54 1.97
CA CYS C 10 -5.93 -17.13 2.07
C CYS C 10 -6.00 -18.56 1.58
N THR C 11 -4.86 -19.26 1.60
CA THR C 11 -4.84 -20.64 1.15
C THR C 11 -5.72 -21.51 2.03
N GLY C 12 -5.85 -21.11 3.29
CA GLY C 12 -6.69 -21.85 4.23
C GLY C 12 -7.53 -20.86 5.01
N ASN C 13 -8.31 -21.37 5.95
CA ASN C 13 -9.13 -20.51 6.80
C ASN C 13 -8.97 -21.03 8.21
N SER C 14 -7.71 -21.13 8.63
CA SER C 14 -7.39 -21.64 9.96
C SER C 14 -6.62 -20.65 10.83
N CYS C 15 -5.71 -19.90 10.20
CA CYS C 15 -4.86 -18.98 10.95
C CYS C 15 -4.91 -17.51 10.51
N ARG C 16 -4.14 -17.17 9.50
CA ARG C 16 -4.05 -15.81 9.00
C ARG C 16 -5.38 -15.15 8.70
N SER C 17 -6.21 -15.80 7.89
CA SER C 17 -7.50 -15.23 7.53
C SER C 17 -8.42 -15.09 8.73
N GLN C 18 -8.32 -16.00 9.70
CA GLN C 18 -9.16 -15.93 10.90
C GLN C 18 -8.70 -14.79 11.80
N MET C 19 -7.39 -14.60 11.92
CA MET C 19 -6.88 -13.51 12.74
C MET C 19 -7.16 -12.16 12.07
N ALA C 20 -7.07 -12.10 10.74
CA ALA C 20 -7.35 -10.86 10.03
C ALA C 20 -8.81 -10.49 10.28
N GLU C 21 -9.72 -11.46 10.22
CA GLU C 21 -11.13 -11.20 10.46
C GLU C 21 -11.33 -10.65 11.86
N GLY C 22 -10.66 -11.25 12.84
CA GLY C 22 -10.80 -10.81 14.21
C GLY C 22 -10.37 -9.35 14.38
N TRP C 23 -9.20 -9.01 13.83
CA TRP C 23 -8.71 -7.65 13.93
C TRP C 23 -9.63 -6.67 13.21
N ALA C 24 -10.08 -7.04 12.02
CA ALA C 24 -10.94 -6.17 11.22
C ALA C 24 -12.24 -5.81 11.94
N LYS C 25 -12.84 -6.79 12.60
CA LYS C 25 -14.09 -6.54 13.32
C LYS C 25 -13.90 -5.54 14.45
N GLN C 26 -12.72 -5.56 15.05
CA GLN C 26 -12.41 -4.67 16.18
C GLN C 26 -12.14 -3.24 15.77
N TYR C 27 -11.52 -3.04 14.60
CA TYR C 27 -11.18 -1.70 14.15
C TYR C 27 -12.04 -1.08 13.06
N LEU C 28 -12.74 -1.91 12.29
CA LEU C 28 -13.60 -1.39 11.24
C LEU C 28 -15.04 -1.32 11.75
N GLU C 31 -20.45 -0.29 9.53
CA GLU C 31 -20.12 0.15 8.18
C GLU C 31 -19.56 -1.00 7.35
N TRP C 32 -18.69 -1.80 7.97
CA TRP C 32 -18.09 -2.94 7.28
C TRP C 32 -18.56 -4.28 7.82
N LYS C 33 -18.88 -5.18 6.89
CA LYS C 33 -19.29 -6.53 7.24
C LYS C 33 -18.06 -7.36 6.89
N VAL C 34 -17.51 -8.06 7.89
CA VAL C 34 -16.29 -8.84 7.72
C VAL C 34 -16.49 -10.34 7.56
N TYR C 35 -15.83 -10.93 6.55
CA TYR C 35 -15.90 -12.36 6.30
C TYR C 35 -14.51 -12.86 5.93
N SER C 36 -14.28 -14.16 6.05
CA SER C 36 -12.98 -14.72 5.69
C SER C 36 -13.19 -16.12 5.15
N ALA C 37 -12.26 -16.57 4.33
CA ALA C 37 -12.36 -17.91 3.75
C ALA C 37 -11.02 -18.35 3.21
N GLY C 38 -10.90 -19.65 2.94
CA GLY C 38 -9.67 -20.18 2.41
C GLY C 38 -9.96 -21.00 1.16
N ILE C 39 -8.94 -21.19 0.33
CA ILE C 39 -9.11 -22.00 -0.87
C ILE C 39 -9.52 -23.38 -0.39
N GLU C 40 -8.97 -23.79 0.75
CA GLU C 40 -9.31 -25.05 1.41
C GLU C 40 -9.63 -24.63 2.85
N ALA C 41 -10.38 -25.46 3.58
CA ALA C 41 -10.72 -25.13 4.95
C ALA C 41 -10.78 -26.40 5.80
N HIS C 42 -10.03 -26.42 6.90
CA HIS C 42 -10.00 -27.59 7.75
C HIS C 42 -10.15 -27.31 9.23
N GLY C 43 -10.63 -26.12 9.58
CA GLY C 43 -10.85 -25.81 10.98
C GLY C 43 -10.02 -24.70 11.59
N LEU C 44 -10.55 -24.13 12.68
CA LEU C 44 -9.87 -23.07 13.40
C LEU C 44 -8.63 -23.65 14.09
N ASN C 45 -7.49 -22.96 13.94
CA ASN C 45 -6.27 -23.43 14.59
C ASN C 45 -6.31 -22.93 16.03
N PRO C 46 -6.19 -23.84 17.00
CA PRO C 46 -6.22 -23.48 18.43
C PRO C 46 -5.19 -22.42 18.82
N ASN C 47 -4.02 -22.45 18.19
CA ASN C 47 -2.97 -21.49 18.49
C ASN C 47 -3.36 -20.09 18.04
N ALA C 48 -4.12 -20.01 16.95
CA ALA C 48 -4.57 -18.71 16.46
C ALA C 48 -5.62 -18.13 17.41
N VAL C 49 -6.50 -19.00 17.91
CA VAL C 49 -7.52 -18.56 18.84
C VAL C 49 -6.85 -18.04 20.10
N LYS C 50 -5.87 -18.79 20.60
CA LYS C 50 -5.13 -18.42 21.81
C LYS C 50 -4.38 -17.10 21.61
N ALA C 51 -3.75 -16.94 20.44
CA ALA C 51 -3.00 -15.72 20.15
C ALA C 51 -3.91 -14.48 20.15
N MET C 52 -5.09 -14.59 19.55
CA MET C 52 -5.99 -13.45 19.52
C MET C 52 -6.57 -13.17 20.91
N LYS C 53 -6.79 -14.23 21.69
CA LYS C 53 -7.32 -14.06 23.03
C LYS C 53 -6.34 -13.20 23.86
N GLU C 54 -5.05 -13.36 23.57
CA GLU C 54 -4.01 -12.61 24.27
C GLU C 54 -4.15 -11.11 24.09
N VAL C 55 -4.67 -10.69 22.94
CA VAL C 55 -4.84 -9.27 22.68
C VAL C 55 -6.28 -8.80 22.92
N GLY C 56 -7.06 -9.68 23.54
CA GLY C 56 -8.44 -9.33 23.86
C GLY C 56 -9.47 -9.52 22.76
N ILE C 57 -9.17 -10.38 21.80
CA ILE C 57 -10.11 -10.63 20.71
C ILE C 57 -10.51 -12.10 20.70
N ASP C 58 -11.80 -12.35 20.70
CA ASP C 58 -12.33 -13.70 20.71
C ASP C 58 -12.78 -14.16 19.33
N ILE C 59 -12.03 -15.08 18.72
CA ILE C 59 -12.39 -15.60 17.41
C ILE C 59 -12.81 -17.06 17.51
N SER C 60 -13.01 -17.54 18.75
CA SER C 60 -13.37 -18.92 19.00
C SER C 60 -14.67 -19.39 18.36
N ASN C 61 -15.54 -18.47 17.99
CA ASN C 61 -16.81 -18.84 17.36
C ASN C 61 -16.85 -18.68 15.85
N GLN C 62 -15.71 -18.30 15.27
CA GLN C 62 -15.60 -18.13 13.82
C GLN C 62 -15.50 -19.48 13.13
N THR C 63 -16.32 -19.69 12.11
CA THR C 63 -16.28 -20.96 11.39
C THR C 63 -15.18 -20.94 10.33
N SER C 64 -14.73 -22.13 9.95
CA SER C 64 -13.69 -22.31 8.94
C SER C 64 -14.42 -22.67 7.65
N ASP C 65 -14.42 -21.73 6.70
CA ASP C 65 -15.14 -21.91 5.44
C ASP C 65 -14.32 -21.79 4.17
N ILE C 66 -14.76 -22.48 3.12
CA ILE C 66 -14.10 -22.37 1.83
C ILE C 66 -14.69 -21.13 1.17
N ILE C 67 -14.06 -20.62 0.13
CA ILE C 67 -14.57 -19.44 -0.56
C ILE C 67 -15.98 -19.66 -1.08
N ASP C 68 -16.88 -18.73 -0.74
CA ASP C 68 -18.27 -18.82 -1.16
C ASP C 68 -18.48 -17.91 -2.37
N SER C 69 -18.97 -18.48 -3.46
CA SER C 69 -19.20 -17.73 -4.68
C SER C 69 -20.10 -16.52 -4.49
N ASP C 70 -21.06 -16.62 -3.58
CA ASP C 70 -21.97 -15.50 -3.33
C ASP C 70 -21.31 -14.35 -2.57
N ILE C 71 -20.52 -14.67 -1.55
CA ILE C 71 -19.85 -13.62 -0.81
C ILE C 71 -18.84 -12.93 -1.73
N LEU C 72 -18.13 -13.73 -2.52
CA LEU C 72 -17.14 -13.19 -3.44
C LEU C 72 -17.82 -12.26 -4.45
N ASN C 73 -18.99 -12.65 -4.92
CA ASN C 73 -19.74 -11.86 -5.89
C ASN C 73 -20.26 -10.55 -5.30
N ASN C 74 -20.58 -10.55 -4.01
CA ASN C 74 -21.11 -9.35 -3.36
C ASN C 74 -20.06 -8.53 -2.60
N ALA C 75 -18.81 -8.97 -2.64
CA ALA C 75 -17.74 -8.27 -1.93
C ALA C 75 -17.37 -6.92 -2.52
N ASP C 76 -17.07 -5.97 -1.64
CA ASP C 76 -16.67 -4.64 -2.07
C ASP C 76 -15.15 -4.58 -2.09
N LEU C 77 -14.54 -5.35 -1.19
CA LEU C 77 -13.10 -5.41 -1.07
C LEU C 77 -12.66 -6.82 -0.71
N VAL C 78 -11.70 -7.33 -1.47
CA VAL C 78 -11.14 -8.67 -1.24
C VAL C 78 -9.67 -8.46 -0.91
N VAL C 79 -9.25 -8.98 0.24
CA VAL C 79 -7.86 -8.87 0.69
C VAL C 79 -7.25 -10.25 0.77
N THR C 80 -6.22 -10.51 -0.04
CA THR C 80 -5.56 -11.81 -0.02
C THR C 80 -4.40 -11.70 0.96
N LEU C 81 -4.12 -12.79 1.66
CA LEU C 81 -3.10 -12.79 2.70
C LEU C 81 -1.91 -13.70 2.50
N CYS C 82 -1.88 -14.42 1.38
CA CYS C 82 -0.78 -15.35 1.11
C CYS C 82 0.26 -14.70 0.23
N VAL C 96 -14.81 -4.89 -8.04
CA VAL C 96 -14.38 -5.34 -6.72
C VAL C 96 -12.94 -4.93 -6.46
N LYS C 97 -12.73 -4.09 -5.45
CA LYS C 97 -11.39 -3.63 -5.11
C LYS C 97 -10.62 -4.80 -4.52
N ARG C 98 -9.34 -4.87 -4.82
CA ARG C 98 -8.52 -5.97 -4.31
C ARG C 98 -7.15 -5.51 -3.83
N GLU C 99 -6.75 -6.02 -2.68
CA GLU C 99 -5.45 -5.70 -2.11
C GLU C 99 -4.75 -6.98 -1.72
N HIS C 100 -3.43 -6.98 -1.78
CA HIS C 100 -2.66 -8.16 -1.40
C HIS C 100 -1.68 -7.85 -0.29
N TRP C 101 -1.88 -8.50 0.86
CA TRP C 101 -1.02 -8.34 2.03
C TRP C 101 -0.48 -9.72 2.40
N GLY C 102 0.82 -9.94 2.24
CA GLY C 102 1.37 -11.25 2.54
C GLY C 102 1.90 -11.47 3.94
N PHE C 103 1.64 -12.66 4.47
CA PHE C 103 2.09 -13.06 5.80
C PHE C 103 2.50 -14.53 5.76
N ASP C 104 3.54 -14.89 6.51
CA ASP C 104 4.01 -16.27 6.55
C ASP C 104 2.95 -17.16 7.21
N ASP C 105 2.95 -18.44 6.85
CA ASP C 105 1.97 -19.40 7.37
C ASP C 105 2.42 -20.00 8.71
N PRO C 106 1.76 -19.63 9.82
CA PRO C 106 2.10 -20.14 11.14
C PRO C 106 1.93 -21.66 11.27
N ALA C 107 1.06 -22.23 10.44
CA ALA C 107 0.80 -23.66 10.47
C ALA C 107 2.02 -24.45 9.99
N ARG C 108 2.91 -23.76 9.28
CA ARG C 108 4.11 -24.39 8.76
C ARG C 108 5.32 -24.01 9.60
N ALA C 109 5.06 -23.70 10.87
CA ALA C 109 6.11 -23.31 11.81
C ALA C 109 7.06 -24.47 12.09
N GLN C 110 8.33 -24.15 12.27
CA GLN C 110 9.35 -25.15 12.56
C GLN C 110 10.09 -24.77 13.84
N GLY C 111 10.70 -25.76 14.48
CA GLY C 111 11.44 -25.49 15.70
C GLY C 111 10.71 -25.99 16.94
N THR C 112 11.15 -25.51 18.10
CA THR C 112 10.55 -25.90 19.36
C THR C 112 9.20 -25.23 19.58
N GLU C 113 8.49 -25.65 20.61
CA GLU C 113 7.18 -25.10 20.94
C GLU C 113 7.23 -23.59 21.10
N GLU C 114 8.26 -23.12 21.81
CA GLU C 114 8.43 -21.69 22.07
C GLU C 114 8.65 -20.90 20.78
N GLU C 115 9.43 -21.45 19.86
CA GLU C 115 9.71 -20.78 18.60
C GLU C 115 8.46 -20.71 17.73
N LYS C 116 7.69 -21.80 17.72
CA LYS C 116 6.45 -21.85 16.94
C LYS C 116 5.44 -20.86 17.51
N TRP C 117 5.31 -20.85 18.83
CA TRP C 117 4.39 -19.95 19.51
C TRP C 117 4.76 -18.49 19.25
N ALA C 118 6.05 -18.18 19.31
CA ALA C 118 6.50 -16.81 19.07
C ALA C 118 6.13 -16.39 17.64
N PHE C 119 6.15 -17.37 16.73
CA PHE C 119 5.81 -17.14 15.33
C PHE C 119 4.32 -16.80 15.23
N PHE C 120 3.48 -17.52 15.96
CA PHE C 120 2.05 -17.23 15.94
C PHE C 120 1.79 -15.82 16.45
N GLN C 121 2.51 -15.43 17.50
CA GLN C 121 2.35 -14.08 18.05
C GLN C 121 2.85 -13.02 17.07
N ARG C 122 3.97 -13.30 16.41
CA ARG C 122 4.57 -12.38 15.46
C ARG C 122 3.63 -12.11 14.28
N VAL C 123 3.04 -13.17 13.72
CA VAL C 123 2.13 -12.99 12.60
C VAL C 123 0.86 -12.27 13.05
N ARG C 124 0.39 -12.59 14.24
CA ARG C 124 -0.80 -11.92 14.79
C ARG C 124 -0.55 -10.43 14.82
N ASP C 125 0.62 -10.02 15.32
CA ASP C 125 0.95 -8.61 15.42
C ASP C 125 1.16 -7.94 14.08
N GLU C 126 1.70 -8.67 13.11
CA GLU C 126 1.90 -8.11 11.78
C GLU C 126 0.55 -7.87 11.11
N ILE C 127 -0.35 -8.84 11.25
CA ILE C 127 -1.68 -8.69 10.66
C ILE C 127 -2.41 -7.53 11.33
N GLY C 128 -2.26 -7.42 12.64
CA GLY C 128 -2.91 -6.34 13.38
C GLY C 128 -2.37 -4.99 12.93
N ASN C 129 -1.06 -4.91 12.75
CA ASN C 129 -0.42 -3.67 12.33
C ASN C 129 -0.94 -3.23 10.96
N ARG C 130 -1.02 -4.18 10.04
CA ARG C 130 -1.47 -3.86 8.69
C ARG C 130 -2.93 -3.45 8.65
N LEU C 131 -3.77 -4.15 9.42
CA LEU C 131 -5.19 -3.82 9.45
C LEU C 131 -5.38 -2.44 10.07
N LYS C 132 -4.58 -2.10 11.07
CA LYS C 132 -4.68 -0.79 11.71
C LYS C 132 -4.33 0.32 10.71
N GLU C 133 -3.35 0.06 9.87
CA GLU C 133 -2.96 1.03 8.84
C GLU C 133 -4.17 1.25 7.91
N PHE C 134 -4.80 0.14 7.52
CA PHE C 134 -5.95 0.20 6.63
C PHE C 134 -7.09 1.00 7.28
N ALA C 135 -7.34 0.74 8.55
CA ALA C 135 -8.41 1.44 9.27
C ALA C 135 -8.13 2.95 9.37
N GLU C 136 -6.86 3.32 9.45
CA GLU C 136 -6.47 4.72 9.57
C GLU C 136 -6.42 5.48 8.25
N THR C 137 -5.95 4.82 7.20
CA THR C 137 -5.80 5.46 5.89
C THR C 137 -6.77 5.03 4.81
N GLY C 138 -7.37 3.85 4.96
CA GLY C 138 -8.30 3.35 3.97
C GLY C 138 -7.54 2.68 2.84
N LYS C 139 -6.25 2.45 3.07
CA LYS C 139 -5.38 1.81 2.08
C LYS C 139 -4.55 0.69 2.70
N LYS D 4 -32.50 -7.53 3.84
CA LYS D 4 -31.18 -7.45 3.15
C LYS D 4 -30.58 -8.82 2.89
N ILE D 5 -30.23 -9.53 3.96
CA ILE D 5 -29.64 -10.86 3.82
C ILE D 5 -30.62 -11.98 4.18
N ILE D 6 -30.82 -12.92 3.24
CA ILE D 6 -31.68 -14.07 3.50
C ILE D 6 -30.76 -15.29 3.37
N TYR D 7 -30.81 -16.15 4.38
CA TYR D 7 -29.93 -17.33 4.46
C TYR D 7 -30.73 -18.62 4.50
N PHE D 8 -30.61 -19.44 3.46
CA PHE D 8 -31.34 -20.71 3.42
C PHE D 8 -30.47 -21.83 3.97
N LEU D 9 -30.99 -22.53 4.98
CA LEU D 9 -30.24 -23.61 5.62
C LEU D 9 -30.95 -24.94 5.57
N CYS D 10 -30.18 -26.02 5.47
CA CYS D 10 -30.74 -27.36 5.46
C CYS D 10 -29.68 -28.33 5.99
N THR D 11 -30.04 -29.61 6.02
CA THR D 11 -29.13 -30.65 6.49
C THR D 11 -27.84 -30.62 5.66
N GLY D 12 -28.00 -30.39 4.36
CA GLY D 12 -26.84 -30.31 3.49
C GLY D 12 -26.94 -29.09 2.61
N ASN D 13 -26.02 -28.94 1.66
CA ASN D 13 -26.05 -27.81 0.73
C ASN D 13 -25.82 -28.41 -0.65
N SER D 14 -26.69 -29.36 -1.00
CA SER D 14 -26.61 -30.07 -2.27
C SER D 14 -27.86 -29.97 -3.13
N CYS D 15 -29.02 -30.02 -2.49
CA CYS D 15 -30.29 -30.01 -3.20
C CYS D 15 -31.27 -28.90 -2.82
N ARG D 16 -32.04 -29.13 -1.77
CA ARG D 16 -33.05 -28.16 -1.32
C ARG D 16 -32.55 -26.74 -1.10
N SER D 17 -31.49 -26.60 -0.31
CA SER D 17 -30.95 -25.27 -0.03
C SER D 17 -30.41 -24.58 -1.28
N GLN D 18 -29.83 -25.35 -2.19
CA GLN D 18 -29.29 -24.79 -3.43
C GLN D 18 -30.42 -24.37 -4.37
N MET D 19 -31.48 -25.17 -4.43
CA MET D 19 -32.61 -24.83 -5.30
C MET D 19 -33.35 -23.63 -4.71
N ALA D 20 -33.46 -23.57 -3.38
CA ALA D 20 -34.11 -22.44 -2.73
C ALA D 20 -33.33 -21.16 -3.05
N GLU D 21 -32.00 -21.24 -3.04
CA GLU D 21 -31.20 -20.07 -3.35
C GLU D 21 -31.47 -19.62 -4.79
N GLY D 22 -31.55 -20.58 -5.70
CA GLY D 22 -31.80 -20.26 -7.10
C GLY D 22 -33.16 -19.61 -7.30
N TRP D 23 -34.18 -20.14 -6.64
CA TRP D 23 -35.52 -19.58 -6.75
C TRP D 23 -35.60 -18.20 -6.11
N ALA D 24 -34.90 -18.02 -5.00
CA ALA D 24 -34.93 -16.73 -4.30
C ALA D 24 -34.34 -15.64 -5.18
N LYS D 25 -33.22 -15.93 -5.86
CA LYS D 25 -32.60 -14.94 -6.73
C LYS D 25 -33.53 -14.63 -7.89
N GLN D 26 -34.28 -15.64 -8.33
CA GLN D 26 -35.21 -15.50 -9.43
C GLN D 26 -36.39 -14.57 -9.10
N TYR D 27 -36.95 -14.71 -7.91
CA TYR D 27 -38.11 -13.91 -7.52
C TYR D 27 -37.88 -12.65 -6.68
N LEU D 28 -36.82 -12.61 -5.89
CA LEU D 28 -36.58 -11.44 -5.04
C LEU D 28 -35.89 -10.28 -5.74
N GLY D 29 -36.17 -9.08 -5.25
CA GLY D 29 -35.57 -7.90 -5.83
C GLY D 29 -34.10 -7.75 -5.45
N ASP D 30 -33.44 -6.76 -6.02
CA ASP D 30 -32.03 -6.52 -5.75
C ASP D 30 -31.70 -6.15 -4.31
N GLU D 31 -32.72 -5.83 -3.51
CA GLU D 31 -32.46 -5.48 -2.12
C GLU D 31 -32.04 -6.71 -1.33
N TRP D 32 -32.39 -7.89 -1.81
CA TRP D 32 -32.05 -9.14 -1.13
C TRP D 32 -30.76 -9.77 -1.61
N LYS D 33 -29.89 -10.11 -0.66
CA LYS D 33 -28.64 -10.79 -0.94
C LYS D 33 -28.93 -12.20 -0.45
N VAL D 34 -28.87 -13.16 -1.37
CA VAL D 34 -29.19 -14.55 -1.07
C VAL D 34 -27.98 -15.47 -0.85
N TYR D 35 -28.05 -16.26 0.21
CA TYR D 35 -27.00 -17.21 0.56
C TYR D 35 -27.64 -18.50 1.01
N SER D 36 -26.88 -19.59 0.98
CA SER D 36 -27.40 -20.88 1.43
C SER D 36 -26.27 -21.72 2.01
N ALA D 37 -26.60 -22.64 2.90
CA ALA D 37 -25.59 -23.49 3.51
C ALA D 37 -26.23 -24.71 4.15
N GLY D 38 -25.40 -25.69 4.48
CA GLY D 38 -25.90 -26.89 5.10
C GLY D 38 -25.12 -27.21 6.36
N ILE D 39 -25.66 -28.07 7.22
CA ILE D 39 -24.95 -28.46 8.44
C ILE D 39 -23.65 -29.06 7.94
N GLU D 40 -23.77 -29.80 6.84
CA GLU D 40 -22.65 -30.44 6.17
C GLU D 40 -22.76 -30.02 4.70
N ALA D 41 -21.65 -30.09 3.97
CA ALA D 41 -21.65 -29.70 2.56
C ALA D 41 -20.88 -30.74 1.75
N HIS D 42 -21.60 -31.46 0.89
CA HIS D 42 -20.99 -32.50 0.08
C HIS D 42 -21.01 -32.26 -1.42
N GLY D 43 -21.31 -31.02 -1.83
CA GLY D 43 -21.32 -30.69 -3.23
C GLY D 43 -22.68 -30.60 -3.90
N LEU D 44 -22.75 -29.87 -5.01
CA LEU D 44 -23.99 -29.71 -5.76
C LEU D 44 -24.45 -31.04 -6.32
N ASN D 45 -25.72 -31.37 -6.11
CA ASN D 45 -26.27 -32.60 -6.64
C ASN D 45 -26.59 -32.33 -8.10
N PRO D 46 -26.05 -33.14 -9.02
CA PRO D 46 -26.27 -32.99 -10.46
C PRO D 46 -27.74 -32.96 -10.87
N ASN D 47 -28.58 -33.68 -10.14
CA ASN D 47 -30.01 -33.72 -10.44
C ASN D 47 -30.66 -32.41 -10.09
N ALA D 48 -30.20 -31.79 -9.00
CA ALA D 48 -30.76 -30.50 -8.59
C ALA D 48 -30.39 -29.45 -9.63
N VAL D 49 -29.14 -29.50 -10.11
CA VAL D 49 -28.71 -28.56 -11.12
C VAL D 49 -29.53 -28.75 -12.39
N LYS D 50 -29.72 -30.00 -12.79
CA LYS D 50 -30.49 -30.32 -13.99
C LYS D 50 -31.95 -29.90 -13.85
N ALA D 51 -32.52 -30.10 -12.66
CA ALA D 51 -33.91 -29.73 -12.42
C ALA D 51 -34.13 -28.22 -12.55
N MET D 52 -33.20 -27.43 -12.03
CA MET D 52 -33.34 -25.98 -12.11
C MET D 52 -33.13 -25.53 -13.55
N LYS D 53 -32.26 -26.23 -14.26
CA LYS D 53 -31.96 -25.92 -15.65
C LYS D 53 -33.25 -25.96 -16.47
N GLU D 54 -34.09 -26.94 -16.19
CA GLU D 54 -35.36 -27.12 -16.89
C GLU D 54 -36.26 -25.90 -16.81
N VAL D 55 -36.20 -25.17 -15.70
CA VAL D 55 -37.04 -23.98 -15.56
C VAL D 55 -36.29 -22.70 -15.89
N GLY D 56 -35.10 -22.84 -16.48
CA GLY D 56 -34.33 -21.68 -16.88
C GLY D 56 -33.44 -21.02 -15.84
N ILE D 57 -33.12 -21.75 -14.78
CA ILE D 57 -32.27 -21.21 -13.73
C ILE D 57 -30.97 -22.00 -13.60
N ASP D 58 -29.83 -21.30 -13.69
CA ASP D 58 -28.53 -21.95 -13.60
C ASP D 58 -27.96 -21.81 -12.19
N ILE D 59 -27.87 -22.92 -11.46
CA ILE D 59 -27.29 -22.87 -10.11
C ILE D 59 -25.94 -23.57 -10.06
N SER D 60 -25.41 -23.91 -11.24
CA SER D 60 -24.14 -24.63 -11.35
C SER D 60 -22.90 -23.92 -10.80
N ASN D 61 -23.00 -22.61 -10.59
CA ASN D 61 -21.87 -21.86 -10.07
C ASN D 61 -21.94 -21.63 -8.56
N GLN D 62 -23.01 -22.14 -7.95
CA GLN D 62 -23.20 -21.99 -6.51
C GLN D 62 -22.30 -22.94 -5.75
N THR D 63 -21.59 -22.41 -4.76
CA THR D 63 -20.69 -23.19 -3.94
C THR D 63 -21.48 -24.02 -2.92
N SER D 64 -20.92 -25.16 -2.52
CA SER D 64 -21.55 -26.01 -1.51
C SER D 64 -20.79 -25.67 -0.23
N ASP D 65 -21.45 -24.96 0.68
CA ASP D 65 -20.82 -24.50 1.91
C ASP D 65 -21.51 -24.92 3.21
N ILE D 66 -20.75 -24.96 4.29
CA ILE D 66 -21.29 -25.28 5.60
C ILE D 66 -21.74 -23.94 6.18
N ILE D 67 -22.56 -23.98 7.22
CA ILE D 67 -23.05 -22.74 7.82
C ILE D 67 -21.90 -21.86 8.30
N ASP D 68 -21.95 -20.59 7.92
CA ASP D 68 -20.94 -19.59 8.28
C ASP D 68 -21.49 -18.74 9.42
N SER D 69 -20.80 -18.74 10.55
CA SER D 69 -21.26 -17.98 11.71
C SER D 69 -21.46 -16.49 11.42
N ASP D 70 -20.65 -15.92 10.53
CA ASP D 70 -20.78 -14.51 10.21
C ASP D 70 -22.05 -14.19 9.43
N ILE D 71 -22.40 -15.05 8.47
CA ILE D 71 -23.62 -14.82 7.69
C ILE D 71 -24.82 -15.03 8.60
N LEU D 72 -24.72 -16.05 9.44
CA LEU D 72 -25.80 -16.38 10.37
C LEU D 72 -26.06 -15.20 11.30
N ASN D 73 -25.00 -14.50 11.70
CA ASN D 73 -25.12 -13.37 12.61
C ASN D 73 -25.57 -12.07 11.93
N ASN D 74 -25.24 -11.91 10.65
CA ASN D 74 -25.59 -10.70 9.90
C ASN D 74 -26.90 -10.83 9.13
N ALA D 75 -27.48 -12.02 9.17
CA ALA D 75 -28.72 -12.28 8.43
C ALA D 75 -29.95 -11.54 8.95
N ASP D 76 -30.82 -11.16 8.03
CA ASP D 76 -32.06 -10.48 8.39
C ASP D 76 -33.14 -11.54 8.49
N LEU D 77 -32.98 -12.62 7.73
CA LEU D 77 -33.93 -13.71 7.73
C LEU D 77 -33.23 -15.03 7.45
N VAL D 78 -33.51 -16.02 8.31
CA VAL D 78 -32.95 -17.35 8.15
C VAL D 78 -34.11 -18.30 7.93
N VAL D 79 -34.03 -19.10 6.87
CA VAL D 79 -35.09 -20.05 6.54
C VAL D 79 -34.53 -21.46 6.56
N THR D 80 -35.09 -22.33 7.41
CA THR D 80 -34.64 -23.72 7.48
C THR D 80 -35.56 -24.52 6.56
N LEU D 81 -34.99 -25.48 5.85
CA LEU D 81 -35.76 -26.26 4.88
C LEU D 81 -35.94 -27.75 5.15
N CYS D 82 -35.46 -28.22 6.29
CA CYS D 82 -35.57 -29.64 6.63
C CYS D 82 -37.01 -30.14 6.67
N GLY D 83 -37.28 -31.23 5.94
CA GLY D 83 -38.62 -31.77 5.90
C GLY D 83 -38.90 -32.69 7.08
N VAL D 96 -32.57 -11.91 14.76
CA VAL D 96 -32.66 -12.57 13.45
C VAL D 96 -33.99 -13.28 13.31
N LYS D 97 -34.77 -12.86 12.31
CA LYS D 97 -36.07 -13.46 12.06
C LYS D 97 -35.84 -14.82 11.41
N ARG D 98 -36.56 -15.85 11.86
CA ARG D 98 -36.38 -17.16 11.28
C ARG D 98 -37.69 -17.88 10.99
N GLU D 99 -37.72 -18.56 9.86
CA GLU D 99 -38.89 -19.31 9.44
C GLU D 99 -38.49 -20.72 9.08
N HIS D 100 -39.47 -21.62 9.08
CA HIS D 100 -39.22 -23.00 8.73
C HIS D 100 -40.18 -23.43 7.62
N TRP D 101 -39.62 -23.75 6.46
CA TRP D 101 -40.39 -24.21 5.30
C TRP D 101 -39.83 -25.58 4.94
N GLY D 102 -40.49 -26.63 5.39
CA GLY D 102 -40.00 -27.98 5.16
C GLY D 102 -40.27 -28.63 3.81
N PHE D 103 -39.25 -29.32 3.28
CA PHE D 103 -39.34 -30.03 2.01
C PHE D 103 -38.64 -31.38 2.14
N ASP D 104 -39.17 -32.39 1.46
CA ASP D 104 -38.58 -33.73 1.49
C ASP D 104 -37.21 -33.71 0.81
N ASP D 105 -36.32 -34.58 1.26
CA ASP D 105 -34.97 -34.67 0.69
C ASP D 105 -35.02 -35.51 -0.59
N PRO D 106 -34.85 -34.88 -1.75
CA PRO D 106 -34.90 -35.63 -3.02
C PRO D 106 -33.76 -36.63 -3.21
N ALA D 107 -32.65 -36.43 -2.50
CA ALA D 107 -31.51 -37.33 -2.63
C ALA D 107 -31.79 -38.67 -1.97
N ARG D 108 -32.91 -38.77 -1.25
CA ARG D 108 -33.26 -39.99 -0.57
C ARG D 108 -34.48 -40.64 -1.25
N ALA D 109 -34.76 -40.19 -2.47
CA ALA D 109 -35.89 -40.73 -3.22
C ALA D 109 -35.62 -42.16 -3.64
N GLN D 110 -36.61 -43.03 -3.47
CA GLN D 110 -36.48 -44.44 -3.84
C GLN D 110 -37.31 -44.75 -5.08
N GLY D 111 -36.98 -45.85 -5.74
CA GLY D 111 -37.70 -46.24 -6.94
C GLY D 111 -36.82 -46.23 -8.18
N THR D 112 -37.45 -46.22 -9.35
CA THR D 112 -36.72 -46.20 -10.61
C THR D 112 -36.08 -44.83 -10.86
N GLU D 113 -35.29 -44.74 -11.91
CA GLU D 113 -34.61 -43.50 -12.27
C GLU D 113 -35.61 -42.40 -12.60
N GLU D 114 -36.75 -42.80 -13.17
CA GLU D 114 -37.79 -41.84 -13.53
C GLU D 114 -38.53 -41.35 -12.30
N GLU D 115 -38.78 -42.25 -11.35
CA GLU D 115 -39.47 -41.88 -10.12
C GLU D 115 -38.61 -40.93 -9.29
N LYS D 116 -37.31 -41.21 -9.23
CA LYS D 116 -36.40 -40.36 -8.47
C LYS D 116 -36.29 -38.99 -9.14
N TRP D 117 -36.21 -38.98 -10.47
CA TRP D 117 -36.12 -37.72 -11.21
C TRP D 117 -37.39 -36.92 -10.99
N ALA D 118 -38.54 -37.59 -10.98
CA ALA D 118 -39.81 -36.92 -10.77
C ALA D 118 -39.85 -36.29 -9.39
N PHE D 119 -39.20 -36.93 -8.43
CA PHE D 119 -39.13 -36.46 -7.05
C PHE D 119 -38.40 -35.11 -7.01
N PHE D 120 -37.28 -35.03 -7.73
CA PHE D 120 -36.50 -33.81 -7.81
C PHE D 120 -37.32 -32.68 -8.42
N GLN D 121 -38.10 -33.01 -9.44
CA GLN D 121 -38.93 -32.01 -10.10
C GLN D 121 -40.02 -31.53 -9.14
N ARG D 122 -40.59 -32.46 -8.38
CA ARG D 122 -41.64 -32.11 -7.44
C ARG D 122 -41.13 -31.18 -6.36
N VAL D 123 -40.01 -31.54 -5.75
CA VAL D 123 -39.43 -30.70 -4.70
C VAL D 123 -39.06 -29.34 -5.29
N ARG D 124 -38.50 -29.33 -6.49
CA ARG D 124 -38.14 -28.07 -7.15
C ARG D 124 -39.37 -27.18 -7.23
N ASP D 125 -40.47 -27.74 -7.73
CA ASP D 125 -41.71 -26.99 -7.88
C ASP D 125 -42.30 -26.50 -6.56
N GLU D 126 -42.18 -27.30 -5.51
CA GLU D 126 -42.71 -26.92 -4.20
C GLU D 126 -41.90 -25.75 -3.64
N ILE D 127 -40.58 -25.81 -3.79
CA ILE D 127 -39.75 -24.74 -3.29
C ILE D 127 -40.03 -23.46 -4.08
N GLY D 128 -40.15 -23.58 -5.39
CA GLY D 128 -40.45 -22.42 -6.21
C GLY D 128 -41.77 -21.78 -5.79
N ASN D 129 -42.77 -22.61 -5.57
CA ASN D 129 -44.09 -22.09 -5.16
C ASN D 129 -43.99 -21.31 -3.85
N ARG D 130 -43.26 -21.87 -2.87
CA ARG D 130 -43.13 -21.20 -1.58
C ARG D 130 -42.35 -19.90 -1.69
N LEU D 131 -41.31 -19.88 -2.52
CA LEU D 131 -40.53 -18.65 -2.67
C LEU D 131 -41.34 -17.59 -3.41
N LYS D 132 -42.23 -18.02 -4.29
CA LYS D 132 -43.05 -17.05 -5.02
C LYS D 132 -44.00 -16.40 -4.01
N GLU D 133 -44.50 -17.22 -3.08
CA GLU D 133 -45.39 -16.72 -2.04
C GLU D 133 -44.66 -15.66 -1.21
N PHE D 134 -43.44 -15.98 -0.80
CA PHE D 134 -42.65 -15.07 0.01
C PHE D 134 -42.39 -13.76 -0.73
N ALA D 135 -42.03 -13.87 -2.00
CA ALA D 135 -41.73 -12.69 -2.81
C ALA D 135 -42.93 -11.76 -2.99
N GLU D 136 -44.10 -12.35 -3.23
CA GLU D 136 -45.30 -11.55 -3.46
C GLU D 136 -46.00 -11.00 -2.22
N THR D 137 -45.76 -11.61 -1.07
CA THR D 137 -46.43 -11.16 0.15
C THR D 137 -45.47 -10.66 1.21
N GLY D 138 -44.22 -11.09 1.12
CA GLY D 138 -43.22 -10.70 2.10
C GLY D 138 -43.27 -11.63 3.30
N LYS D 139 -43.97 -12.76 3.15
CA LYS D 139 -44.09 -13.73 4.23
C LYS D 139 -43.95 -15.18 3.75
S SO4 E . 30.56 29.99 -13.33
O1 SO4 E . 31.33 28.81 -13.74
O2 SO4 E . 29.12 29.67 -13.35
O3 SO4 E . 30.97 30.40 -11.97
O4 SO4 E . 30.82 31.09 -14.28
S SO4 F . 12.69 6.22 15.06
O1 SO4 F . 11.73 7.32 15.29
O2 SO4 F . 12.82 6.00 13.59
O3 SO4 F . 13.99 6.58 15.63
O4 SO4 F . 12.18 4.98 15.68
S SO4 G . -4.56 -19.43 6.76
O1 SO4 G . -4.15 -19.76 5.37
O2 SO4 G . -5.43 -18.24 6.72
O3 SO4 G . -5.29 -20.56 7.36
O4 SO4 G . -3.37 -19.14 7.57
S SO4 H . -30.14 -30.25 1.04
O1 SO4 H . -30.14 -30.71 2.44
O2 SO4 H . -30.35 -28.79 1.03
O3 SO4 H . -28.83 -30.58 0.42
O4 SO4 H . -31.21 -30.91 0.28
#